data_3GHH
#
_entry.id   3GHH
#
_cell.length_a   46.399
_cell.length_b   79.411
_cell.length_c   156.297
_cell.angle_alpha   90.00
_cell.angle_beta   90.00
_cell.angle_gamma   90.00
#
_symmetry.space_group_name_H-M   'P 21 21 21'
#
loop_
_entity.id
_entity.type
_entity.pdbx_description
1 polymer 'Ecto-NAD+ glycohydrolase (CD38 molecule)'
2 branched 2-acetamido-2-deoxy-beta-D-glucopyranose-(1-4)-2-acetamido-2-deoxy-beta-D-glucopyranose
3 non-polymer 'SULFATE ION'
4 non-polymer '[[(2R,3S,4R,5R)-5-(6-aminopurin-9-yl)-3,4-dihydroxyoxolan-2-yl]methoxy-hydroxyphosphoryl] [(2R,3S,4R,5R)-5-(3-carbamoylpyridin-1-ium-1yl)- 3-fluoro-,4- hydroxyoxolan-2-yl]methyl phosphate'
5 water water
#
_entity_poly.entity_id   1
_entity_poly.type   'polypeptide(L)'
_entity_poly.pdbx_seq_one_letter_code
;YKWHYSGLNRWHGAGSTADFQKIIQERCDTYTQTIRPGSRSRNCQAIRQAFMSAFISKDPCKATKEDYNSLINLAPPTVP
CGQQVFWSKTKELAHEYAKRRRLMTLEDTLLGYLADGLRWCGEPGSSDLNIWSCPDWRKDCRTNYLSVFWEVLSERFAES
ACNTVRVVLNGSLENAFDSMSIFGRVQAPNLRPQVELEAWLVHDTGKPPSDSCSGSSIRKLKSILDGRNVKFRCMDNLSR
DQFLQRS
;
_entity_poly.pdbx_strand_id   A,B
#
# COMPACT_ATOMS: atom_id res chain seq x y z
N ASN A 9 26.29 -16.70 20.66
CA ASN A 9 25.19 -17.40 20.01
C ASN A 9 25.56 -17.90 18.61
N ARG A 10 24.68 -18.69 18.00
CA ARG A 10 25.01 -19.48 16.81
C ARG A 10 24.96 -18.76 15.46
N TRP A 11 24.14 -17.71 15.36
CA TRP A 11 23.98 -17.03 14.07
C TRP A 11 25.26 -16.31 13.69
N HIS A 12 25.42 -16.02 12.40
CA HIS A 12 26.60 -15.34 11.90
C HIS A 12 26.43 -13.82 11.89
N GLY A 13 25.26 -13.34 12.31
CA GLY A 13 25.02 -11.92 12.35
C GLY A 13 25.11 -11.36 13.75
N ALA A 14 25.33 -10.05 13.85
CA ALA A 14 25.38 -9.39 15.15
C ALA A 14 24.03 -9.52 15.85
N GLY A 15 24.06 -9.57 17.18
CA GLY A 15 22.83 -9.69 17.95
C GLY A 15 21.93 -8.46 17.91
N SER A 16 20.70 -8.63 18.36
CA SER A 16 19.73 -7.52 18.46
C SER A 16 20.28 -6.31 19.22
N THR A 17 19.86 -5.11 18.81
CA THR A 17 20.18 -3.89 19.52
C THR A 17 19.66 -3.98 20.95
N ALA A 18 20.54 -3.69 21.92
CA ALA A 18 20.12 -3.72 23.32
C ALA A 18 18.98 -2.74 23.56
N ASP A 19 17.97 -3.15 24.32
CA ASP A 19 16.87 -2.26 24.66
C ASP A 19 16.12 -1.78 23.42
N PHE A 20 15.98 -2.68 22.47
CA PHE A 20 15.27 -2.41 21.24
C PHE A 20 13.91 -1.79 21.47
N GLN A 21 13.12 -2.38 22.36
CA GLN A 21 11.77 -1.87 22.63
C GLN A 21 11.74 -0.45 23.13
N LYS A 22 12.64 -0.11 24.02
CA LYS A 22 12.72 1.27 24.50
C LYS A 22 13.09 2.22 23.35
N ILE A 23 14.09 1.82 22.56
CA ILE A 23 14.52 2.68 21.45
C ILE A 23 13.39 2.95 20.47
N ILE A 24 12.69 1.92 20.03
CA ILE A 24 11.65 2.16 19.02
C ILE A 24 10.50 2.99 19.58
N GLN A 25 10.13 2.79 20.84
CA GLN A 25 9.08 3.64 21.42
C GLN A 25 9.53 5.11 21.62
N GLU A 26 10.76 5.31 22.07
CA GLU A 26 11.27 6.68 22.22
C GLU A 26 11.42 7.38 20.88
N ARG A 27 11.88 6.64 19.88
CA ARG A 27 11.96 7.17 18.53
C ARG A 27 10.58 7.50 18.00
N CYS A 28 9.59 6.65 18.31
CA CYS A 28 8.23 6.92 17.84
C CYS A 28 7.68 8.21 18.45
N ASP A 29 7.83 8.38 19.77
CA ASP A 29 7.47 9.63 20.44
C ASP A 29 8.14 10.84 19.79
N THR A 30 9.44 10.75 19.58
CA THR A 30 10.19 11.85 19.01
C THR A 30 9.72 12.16 17.60
N TYR A 31 9.47 11.13 16.81
CA TYR A 31 9.03 11.32 15.43
C TYR A 31 7.63 11.93 15.34
N THR A 32 6.68 11.34 16.04
CA THR A 32 5.29 11.75 15.95
C THR A 32 5.02 13.10 16.60
N GLN A 33 5.88 13.50 17.54
CA GLN A 33 5.65 14.76 18.28
C GLN A 33 6.55 15.90 17.83
N THR A 34 7.76 15.59 17.40
CA THR A 34 8.73 16.65 17.14
C THR A 34 9.32 16.66 15.73
N ILE A 35 9.09 15.60 14.96
CA ILE A 35 9.62 15.55 13.59
C ILE A 35 8.54 15.75 12.51
N ARG A 36 7.52 14.92 12.55
CA ARG A 36 6.37 15.05 11.72
C ARG A 36 5.05 15.10 12.49
N PRO A 37 4.88 16.09 13.33
CA PRO A 37 3.61 16.31 14.00
C PRO A 37 2.64 16.86 12.98
N GLY A 38 1.36 16.55 13.08
CA GLY A 38 0.51 16.84 11.96
C GLY A 38 -0.93 17.09 12.19
N SER A 39 -1.79 16.29 11.59
CA SER A 39 -1.48 15.11 10.83
C SER A 39 -2.66 14.25 11.15
N ARG A 40 -2.38 13.06 11.60
CA ARG A 40 -3.31 12.25 12.33
C ARG A 40 -2.46 11.65 13.43
N SER A 41 -3.01 11.45 14.59
CA SER A 41 -2.21 10.93 15.70
C SER A 41 -2.09 9.41 15.65
N ARG A 42 -0.97 8.91 16.14
CA ARG A 42 -0.71 7.48 16.15
C ARG A 42 -0.30 7.08 17.56
N ASN A 43 -0.66 5.87 17.98
CA ASN A 43 -0.22 5.43 19.28
C ASN A 43 1.10 4.70 19.18
N CYS A 44 2.11 5.24 19.84
CA CYS A 44 3.46 4.70 19.72
C CYS A 44 3.65 3.43 20.55
N GLN A 45 2.90 3.31 21.63
CA GLN A 45 2.87 2.04 22.37
C GLN A 45 2.33 0.92 21.49
N ALA A 46 1.24 1.21 20.78
CA ALA A 46 0.64 0.22 19.88
C ALA A 46 1.58 -0.14 18.73
N ILE A 47 2.26 0.86 18.19
CA ILE A 47 3.21 0.63 17.11
C ILE A 47 4.37 -0.25 17.59
N ARG A 48 4.92 0.07 18.75
CA ARG A 48 5.96 -0.76 19.34
C ARG A 48 5.48 -2.19 19.56
N GLN A 49 4.25 -2.32 20.08
CA GLN A 49 3.69 -3.65 20.34
C GLN A 49 3.53 -4.44 19.04
N ALA A 50 3.09 -3.76 17.99
CA ALA A 50 2.92 -4.39 16.68
C ALA A 50 4.26 -4.81 16.09
N PHE A 51 5.26 -3.95 16.27
CA PHE A 51 6.62 -4.23 15.80
C PHE A 51 7.17 -5.48 16.48
N MET A 52 7.06 -5.55 17.80
CA MET A 52 7.55 -6.73 18.53
C MET A 52 6.77 -7.99 18.14
N SER A 53 5.46 -7.87 18.00
CA SER A 53 4.63 -9.03 17.71
C SER A 53 4.93 -9.64 16.35
N ALA A 54 5.45 -8.83 15.43
CA ALA A 54 5.72 -9.30 14.09
C ALA A 54 6.77 -10.41 14.08
N PHE A 55 7.70 -10.36 15.03
CA PHE A 55 8.87 -11.23 14.96
C PHE A 55 9.15 -12.06 16.23
N ILE A 56 8.73 -11.57 17.39
CA ILE A 56 9.02 -12.23 18.67
C ILE A 56 8.47 -13.66 18.75
N SER A 57 9.29 -14.58 19.25
CA SER A 57 8.89 -15.97 19.47
C SER A 57 8.69 -16.74 18.17
N LYS A 58 9.20 -16.22 17.07
CA LYS A 58 9.05 -16.88 15.79
C LYS A 58 10.38 -17.36 15.29
N ASP A 59 10.37 -18.33 14.37
CA ASP A 59 11.57 -18.83 13.74
C ASP A 59 12.24 -17.68 13.01
N PRO A 60 13.47 -17.33 13.43
CA PRO A 60 14.22 -16.17 12.90
C PRO A 60 14.57 -16.29 11.42
N CYS A 61 14.31 -17.46 10.84
CA CYS A 61 14.63 -17.68 9.44
C CYS A 61 13.42 -18.01 8.58
N LYS A 62 12.23 -17.71 9.10
CA LYS A 62 11.02 -17.93 8.32
CA LYS A 62 11.02 -17.93 8.32
C LYS A 62 10.19 -16.65 8.22
N ALA A 63 10.86 -15.50 8.23
CA ALA A 63 10.14 -14.24 8.08
C ALA A 63 9.45 -14.22 6.73
N THR A 64 8.22 -13.74 6.70
CA THR A 64 7.53 -13.53 5.43
C THR A 64 7.05 -12.08 5.40
N LYS A 65 6.76 -11.63 4.19
CA LYS A 65 6.20 -10.30 4.02
C LYS A 65 4.93 -10.15 4.87
N GLU A 66 4.15 -11.22 4.94
CA GLU A 66 2.85 -11.16 5.61
C GLU A 66 2.96 -10.91 7.13
N ASP A 67 4.10 -11.25 7.72
CA ASP A 67 4.31 -10.98 9.13
C ASP A 67 4.30 -9.47 9.44
N TYR A 68 4.59 -8.65 8.45
CA TYR A 68 4.69 -7.20 8.68
C TYR A 68 3.48 -6.37 8.26
N ASN A 69 2.47 -7.00 7.65
CA ASN A 69 1.34 -6.25 7.10
C ASN A 69 0.67 -5.38 8.15
N SER A 70 0.42 -5.94 9.31
CA SER A 70 -0.25 -5.20 10.38
C SER A 70 0.55 -3.98 10.85
N LEU A 71 1.85 -4.17 11.07
CA LEU A 71 2.73 -3.07 11.47
C LEU A 71 2.68 -1.96 10.42
N ILE A 72 2.86 -2.33 9.16
CA ILE A 72 2.89 -1.31 8.11
C ILE A 72 1.58 -0.53 8.03
N ASN A 73 0.44 -1.22 8.17
CA ASN A 73 -0.87 -0.55 8.12
C ASN A 73 -1.07 0.50 9.22
N LEU A 74 -0.34 0.37 10.32
CA LEU A 74 -0.41 1.34 11.41
C LEU A 74 0.31 2.63 11.05
N ALA A 75 1.23 2.56 10.09
CA ALA A 75 2.06 3.70 9.71
C ALA A 75 2.74 3.43 8.37
N PRO A 76 1.98 3.50 7.27
CA PRO A 76 2.58 3.21 5.96
C PRO A 76 3.70 4.21 5.65
N PRO A 77 4.77 3.75 4.98
CA PRO A 77 5.90 4.65 4.67
C PRO A 77 5.58 5.57 3.50
N THR A 78 4.64 6.48 3.72
CA THR A 78 4.20 7.41 2.69
C THR A 78 4.85 8.78 2.88
N VAL A 79 5.24 9.39 1.77
CA VAL A 79 5.98 10.65 1.78
C VAL A 79 5.22 11.58 0.86
N PRO A 80 5.10 12.87 1.23
CA PRO A 80 4.35 13.80 0.39
C PRO A 80 4.87 13.83 -1.06
N CYS A 81 3.97 14.02 -2.00
CA CYS A 81 4.33 14.05 -3.42
C CYS A 81 5.44 15.06 -3.71
N GLY A 82 6.45 14.62 -4.44
CA GLY A 82 7.56 15.48 -4.80
C GLY A 82 8.67 15.65 -3.77
N GLN A 83 8.54 14.94 -2.64
CA GLN A 83 9.57 15.00 -1.61
C GLN A 83 10.32 13.68 -1.44
N GLN A 84 9.96 12.67 -2.23
CA GLN A 84 10.51 11.33 -1.99
C GLN A 84 11.87 11.12 -2.61
N VAL A 85 12.78 10.51 -1.84
CA VAL A 85 14.12 10.22 -2.34
C VAL A 85 14.49 8.74 -2.17
N PHE A 86 14.88 8.10 -3.27
CA PHE A 86 15.37 6.74 -3.25
C PHE A 86 16.88 6.81 -3.32
N TRP A 87 17.56 5.74 -2.90
CA TRP A 87 19.00 5.71 -2.99
C TRP A 87 19.51 4.29 -3.02
N SER A 88 20.70 4.11 -3.57
CA SER A 88 21.31 2.81 -3.65
C SER A 88 22.82 2.97 -3.65
N LYS A 89 23.46 2.41 -2.63
CA LYS A 89 24.92 2.41 -2.50
C LYS A 89 25.47 3.81 -2.21
N THR A 90 24.61 4.70 -1.72
CA THR A 90 24.95 6.08 -1.48
C THR A 90 24.37 6.54 -0.15
N LYS A 91 24.39 5.65 0.84
CA LYS A 91 23.79 5.94 2.14
C LYS A 91 24.08 7.35 2.66
N GLU A 92 25.35 7.64 2.92
CA GLU A 92 25.72 8.92 3.55
C GLU A 92 25.26 10.10 2.71
N LEU A 93 25.62 10.08 1.43
CA LEU A 93 25.29 11.17 0.53
C LEU A 93 23.79 11.42 0.39
N ALA A 94 23.01 10.35 0.22
CA ALA A 94 21.59 10.50 -0.05
C ALA A 94 20.89 11.17 1.13
N HIS A 95 21.31 10.80 2.33
CA HIS A 95 20.70 11.36 3.53
C HIS A 95 21.15 12.79 3.79
N GLU A 96 22.41 13.09 3.46
CA GLU A 96 22.87 14.46 3.53
C GLU A 96 22.06 15.32 2.55
N TYR A 97 21.86 14.80 1.35
CA TYR A 97 21.06 15.48 0.31
C TYR A 97 19.63 15.72 0.76
N ALA A 98 19.01 14.69 1.33
CA ALA A 98 17.62 14.79 1.78
C ALA A 98 17.49 15.80 2.91
N LYS A 99 18.36 15.67 3.90
CA LYS A 99 18.35 16.56 5.05
C LYS A 99 18.48 18.01 4.62
N ARG A 100 19.38 18.27 3.68
CA ARG A 100 19.65 19.63 3.27
C ARG A 100 18.55 20.22 2.38
N ARG A 101 18.01 19.40 1.48
CA ARG A 101 16.94 19.83 0.60
C ARG A 101 15.55 19.66 1.22
N ARG A 102 15.50 19.24 2.49
CA ARG A 102 14.22 19.02 3.16
C ARG A 102 13.37 17.96 2.45
N LEU A 103 14.02 16.87 2.07
CA LEU A 103 13.32 15.76 1.41
C LEU A 103 13.30 14.57 2.37
N MET A 104 12.67 13.48 1.93
CA MET A 104 12.53 12.31 2.78
C MET A 104 12.96 11.02 2.10
N THR A 105 13.92 10.33 2.70
CA THR A 105 14.26 8.98 2.28
C THR A 105 13.39 8.03 3.07
N LEU A 106 13.46 6.76 2.73
CA LEU A 106 12.76 5.72 3.46
C LEU A 106 13.05 5.83 4.96
N GLU A 107 14.28 6.20 5.29
CA GLU A 107 14.72 6.27 6.68
C GLU A 107 14.11 7.45 7.41
N ASP A 108 13.43 8.32 6.64
CA ASP A 108 12.77 9.48 7.21
C ASP A 108 11.27 9.32 7.36
N THR A 109 10.75 8.13 7.01
CA THR A 109 9.36 7.78 7.31
C THR A 109 9.29 7.32 8.76
N LEU A 110 8.09 7.29 9.33
CA LEU A 110 7.97 6.88 10.73
C LEU A 110 8.65 5.54 11.01
N LEU A 111 8.30 4.51 10.25
CA LEU A 111 8.83 3.16 10.53
C LEU A 111 10.30 3.03 10.13
N GLY A 112 10.69 3.73 9.07
CA GLY A 112 12.09 3.75 8.70
C GLY A 112 12.94 4.41 9.78
N TYR A 113 12.41 5.48 10.35
CA TYR A 113 13.11 6.21 11.39
C TYR A 113 13.26 5.33 12.63
N LEU A 114 12.19 4.65 13.01
CA LEU A 114 12.25 3.71 14.12
C LEU A 114 13.39 2.70 13.98
N ALA A 115 13.49 2.09 12.80
CA ALA A 115 14.35 0.91 12.60
C ALA A 115 15.77 1.23 12.12
N ASP A 116 15.95 2.42 11.57
CA ASP A 116 17.24 2.83 10.98
C ASP A 116 18.42 2.53 11.89
N GLY A 117 19.35 1.72 11.40
CA GLY A 117 20.54 1.37 12.14
C GLY A 117 20.36 0.34 13.26
N LEU A 118 19.15 -0.19 13.41
CA LEU A 118 18.91 -1.18 14.46
C LEU A 118 19.01 -2.62 13.95
N ARG A 119 19.15 -3.56 14.88
CA ARG A 119 19.16 -4.97 14.55
C ARG A 119 18.19 -5.67 15.48
N TRP A 120 17.47 -6.66 14.97
CA TRP A 120 16.55 -7.40 15.82
C TRP A 120 16.28 -8.80 15.30
N CYS A 121 16.07 -9.72 16.24
CA CYS A 121 15.57 -11.06 15.93
C CYS A 121 15.04 -11.72 17.21
N GLY A 122 14.16 -12.70 17.05
CA GLY A 122 13.63 -13.43 18.18
C GLY A 122 14.08 -14.87 18.18
N GLU A 123 13.39 -15.70 18.96
CA GLU A 123 13.68 -17.12 19.07
C GLU A 123 12.39 -17.85 19.46
N PRO A 124 12.11 -18.99 18.81
CA PRO A 124 10.88 -19.70 19.16
C PRO A 124 10.91 -20.06 20.63
N GLY A 125 9.76 -20.01 21.31
CA GLY A 125 9.70 -20.35 22.72
C GLY A 125 10.27 -19.28 23.64
N SER A 126 10.43 -18.08 23.12
CA SER A 126 10.92 -16.97 23.94
C SER A 126 10.22 -15.68 23.54
N SER A 127 9.85 -14.89 24.54
CA SER A 127 9.24 -13.59 24.26
C SER A 127 10.30 -12.49 24.33
N ASP A 128 11.57 -12.88 24.35
CA ASP A 128 12.66 -11.91 24.36
C ASP A 128 13.35 -11.83 23.01
N LEU A 129 14.03 -10.71 22.74
CA LEU A 129 14.90 -10.63 21.58
C LEU A 129 16.16 -11.44 21.82
N ASN A 130 16.80 -11.84 20.73
CA ASN A 130 18.10 -12.48 20.80
C ASN A 130 19.20 -11.43 20.73
N ILE A 131 19.73 -11.02 21.87
CA ILE A 131 20.78 -10.00 21.89
C ILE A 131 22.18 -10.57 21.66
N TRP A 132 22.26 -11.89 21.43
CA TRP A 132 23.56 -12.54 21.26
C TRP A 132 23.98 -12.60 19.80
N SER A 133 23.09 -13.08 18.94
CA SER A 133 23.36 -13.13 17.51
C SER A 133 22.06 -13.15 16.72
N CYS A 134 22.14 -12.76 15.45
CA CYS A 134 20.97 -12.79 14.58
C CYS A 134 21.38 -13.34 13.22
N PRO A 135 20.43 -13.95 12.49
CA PRO A 135 20.74 -14.50 11.17
C PRO A 135 21.33 -13.47 10.22
N ASP A 136 22.42 -13.86 9.56
CA ASP A 136 23.04 -13.07 8.52
C ASP A 136 22.39 -13.42 7.19
N TRP A 137 22.07 -12.40 6.40
CA TRP A 137 21.39 -12.56 5.12
C TRP A 137 22.10 -13.57 4.20
N ARG A 138 23.42 -13.53 4.16
CA ARG A 138 24.17 -14.38 3.25
C ARG A 138 24.59 -15.70 3.86
N LYS A 139 25.07 -15.66 5.10
CA LYS A 139 25.60 -16.87 5.74
C LYS A 139 24.51 -17.75 6.34
N ASP A 140 23.36 -17.17 6.65
CA ASP A 140 22.33 -17.88 7.42
C ASP A 140 21.02 -18.07 6.65
N CYS A 141 20.31 -17.00 6.38
CA CYS A 141 19.05 -17.04 5.64
C CYS A 141 18.65 -15.66 5.18
N ARG A 142 18.11 -15.55 3.98
CA ARG A 142 17.59 -14.32 3.46
C ARG A 142 16.29 -13.94 4.13
N THR A 143 15.52 -14.94 4.48
CA THR A 143 14.22 -14.79 5.08
C THR A 143 14.28 -14.53 6.62
N ASN A 144 15.00 -13.50 7.01
CA ASN A 144 15.11 -13.13 8.39
C ASN A 144 14.35 -11.84 8.64
N TYR A 145 14.00 -11.54 9.87
CA TYR A 145 13.05 -10.45 10.13
C TYR A 145 13.61 -9.07 9.79
N LEU A 146 14.91 -8.88 9.93
CA LEU A 146 15.55 -7.61 9.59
C LEU A 146 15.49 -7.37 8.09
N SER A 147 15.93 -8.36 7.31
CA SER A 147 15.97 -8.20 5.86
C SER A 147 14.58 -8.08 5.28
N VAL A 148 13.64 -8.90 5.77
CA VAL A 148 12.28 -8.85 5.25
C VAL A 148 11.57 -7.53 5.58
N PHE A 149 11.78 -7.03 6.80
CA PHE A 149 11.25 -5.71 7.14
C PHE A 149 11.60 -4.67 6.06
N TRP A 150 12.90 -4.56 5.78
CA TRP A 150 13.35 -3.50 4.89
C TRP A 150 12.85 -3.74 3.47
N GLU A 151 12.77 -5.00 3.06
CA GLU A 151 12.21 -5.32 1.74
C GLU A 151 10.74 -4.90 1.60
N VAL A 152 9.96 -5.25 2.60
CA VAL A 152 8.57 -4.92 2.54
C VAL A 152 8.31 -3.43 2.73
N LEU A 153 9.03 -2.79 3.63
CA LEU A 153 8.89 -1.35 3.79
C LEU A 153 9.29 -0.65 2.49
N SER A 154 10.40 -1.09 1.90
CA SER A 154 10.86 -0.54 0.62
C SER A 154 9.81 -0.64 -0.47
N GLU A 155 9.17 -1.81 -0.55
CA GLU A 155 8.13 -2.08 -1.54
C GLU A 155 6.94 -1.12 -1.38
N ARG A 156 6.43 -0.97 -0.17
CA ARG A 156 5.33 -0.03 0.07
C ARG A 156 5.74 1.44 -0.19
N PHE A 157 6.97 1.80 0.19
CA PHE A 157 7.56 3.10 -0.11
C PHE A 157 7.49 3.38 -1.64
N ALA A 158 7.93 2.41 -2.42
CA ALA A 158 7.92 2.56 -3.88
C ALA A 158 6.50 2.66 -4.43
N GLU A 159 5.59 1.87 -3.87
CA GLU A 159 4.20 1.88 -4.32
C GLU A 159 3.49 3.21 -4.07
N SER A 160 3.87 3.89 -2.99
CA SER A 160 3.12 5.07 -2.58
C SER A 160 3.73 6.35 -3.18
N ALA A 161 4.87 6.21 -3.86
CA ALA A 161 5.57 7.34 -4.46
C ALA A 161 4.64 8.12 -5.38
N CYS A 162 4.79 9.44 -5.41
CA CYS A 162 3.89 10.23 -6.26
C CYS A 162 4.54 11.50 -6.82
N ASN A 163 4.14 11.84 -8.04
CA ASN A 163 4.71 12.96 -8.77
C ASN A 163 6.21 12.78 -9.03
N THR A 164 7.01 13.82 -8.80
CA THR A 164 8.44 13.69 -9.07
C THR A 164 9.15 13.01 -7.90
N VAL A 165 9.92 11.98 -8.22
CA VAL A 165 10.76 11.32 -7.22
C VAL A 165 12.20 11.39 -7.70
N ARG A 166 13.14 11.32 -6.78
CA ARG A 166 14.54 11.38 -7.14
C ARG A 166 15.26 10.15 -6.62
N VAL A 167 16.34 9.76 -7.29
CA VAL A 167 17.15 8.65 -6.79
C VAL A 167 18.62 9.03 -6.84
N VAL A 168 19.36 8.71 -5.78
CA VAL A 168 20.79 9.03 -5.72
C VAL A 168 21.58 7.75 -5.90
N LEU A 169 22.34 7.68 -6.99
CA LEU A 169 23.10 6.48 -7.33
C LEU A 169 24.60 6.76 -7.30
N ASN A 170 25.39 5.70 -7.26
CA ASN A 170 26.81 5.80 -7.05
C ASN A 170 27.62 5.68 -8.35
N GLY A 171 28.08 6.82 -8.84
CA GLY A 171 28.85 6.88 -10.07
C GLY A 171 30.29 6.42 -9.96
N SER A 172 30.72 6.01 -8.77
CA SER A 172 32.06 5.47 -8.61
C SER A 172 32.07 3.94 -8.58
N LEU A 173 30.90 3.35 -8.84
CA LEU A 173 30.81 1.90 -9.01
C LEU A 173 30.67 1.56 -10.48
N GLU A 174 31.04 0.34 -10.84
CA GLU A 174 30.95 -0.10 -12.23
C GLU A 174 29.52 -0.03 -12.71
N ASN A 175 28.59 -0.53 -11.90
CA ASN A 175 27.17 -0.46 -12.24
C ASN A 175 26.38 0.28 -11.18
N ALA A 176 26.10 1.55 -11.42
CA ALA A 176 25.32 2.35 -10.48
C ALA A 176 23.95 1.75 -10.20
N PHE A 177 23.37 1.09 -11.20
CA PHE A 177 22.11 0.40 -11.00
C PHE A 177 22.40 -1.08 -10.80
N ASP A 178 22.18 -1.58 -9.59
CA ASP A 178 22.38 -2.98 -9.29
C ASP A 178 21.03 -3.68 -9.26
N SER A 179 20.76 -4.52 -10.26
CA SER A 179 19.47 -5.19 -10.35
C SER A 179 19.21 -6.16 -9.17
N MET A 180 20.26 -6.52 -8.45
CA MET A 180 20.10 -7.40 -7.30
CA MET A 180 20.11 -7.41 -7.30
C MET A 180 19.97 -6.62 -5.99
N SER A 181 20.07 -5.30 -6.08
CA SER A 181 19.92 -4.45 -4.91
C SER A 181 18.45 -4.31 -4.49
N ILE A 182 18.21 -3.79 -3.30
CA ILE A 182 16.84 -3.51 -2.87
C ILE A 182 16.19 -2.49 -3.80
N PHE A 183 16.93 -1.47 -4.21
CA PHE A 183 16.39 -0.53 -5.16
C PHE A 183 16.06 -1.21 -6.49
N GLY A 184 16.95 -2.03 -6.99
CA GLY A 184 16.76 -2.58 -8.31
C GLY A 184 15.72 -3.68 -8.35
N ARG A 185 15.62 -4.37 -7.25
CA ARG A 185 14.89 -5.57 -7.21
C ARG A 185 13.50 -5.38 -6.64
N VAL A 186 13.36 -4.52 -5.64
CA VAL A 186 12.09 -4.32 -4.95
C VAL A 186 11.44 -2.95 -5.23
N GLN A 187 12.25 -1.90 -5.34
CA GLN A 187 11.68 -0.55 -5.47
C GLN A 187 11.36 -0.14 -6.89
N ALA A 188 12.36 -0.14 -7.77
CA ALA A 188 12.11 0.30 -9.14
C ALA A 188 10.97 -0.44 -9.85
N PRO A 189 10.93 -1.79 -9.72
CA PRO A 189 9.86 -2.56 -10.36
C PRO A 189 8.48 -2.38 -9.70
N ASN A 190 8.42 -1.73 -8.54
CA ASN A 190 7.15 -1.52 -7.85
C ASN A 190 6.74 -0.04 -7.79
N LEU A 191 7.57 0.80 -8.40
CA LEU A 191 7.28 2.24 -8.48
C LEU A 191 5.90 2.50 -9.06
N ARG A 192 5.13 3.32 -8.37
CA ARG A 192 3.80 3.69 -8.86
C ARG A 192 3.91 4.18 -10.29
N PRO A 193 3.02 3.70 -11.15
CA PRO A 193 3.10 4.09 -12.56
C PRO A 193 2.77 5.57 -12.75
N GLN A 194 3.41 6.18 -13.75
CA GLN A 194 3.17 7.57 -14.16
C GLN A 194 3.76 8.63 -13.23
N VAL A 195 4.55 8.21 -12.24
CA VAL A 195 5.41 9.17 -11.55
C VAL A 195 6.59 9.49 -12.46
N GLU A 196 7.35 10.52 -12.12
CA GLU A 196 8.56 10.86 -12.87
C GLU A 196 9.76 10.69 -11.98
N LEU A 197 10.79 10.07 -12.53
CA LEU A 197 12.00 9.77 -11.77
C LEU A 197 13.21 10.51 -12.34
N GLU A 198 13.90 11.23 -11.46
CA GLU A 198 15.17 11.88 -11.80
C GLU A 198 16.27 11.16 -11.06
N ALA A 199 17.25 10.67 -11.80
CA ALA A 199 18.38 9.96 -11.19
C ALA A 199 19.62 10.83 -11.26
N TRP A 200 20.41 10.81 -10.18
CA TRP A 200 21.71 11.50 -10.12
C TRP A 200 22.80 10.49 -9.83
N LEU A 201 23.72 10.32 -10.78
CA LEU A 201 24.87 9.45 -10.57
C LEU A 201 26.06 10.25 -10.10
N VAL A 202 26.45 10.03 -8.85
CA VAL A 202 27.40 10.90 -8.18
C VAL A 202 28.68 10.15 -7.81
N HIS A 203 29.82 10.75 -8.13
CA HIS A 203 31.09 10.08 -7.93
C HIS A 203 31.92 10.72 -6.81
N ASP A 204 32.80 9.92 -6.21
CA ASP A 204 33.68 10.41 -5.14
C ASP A 204 34.50 11.65 -5.54
N THR A 205 34.89 12.43 -4.54
CA THR A 205 35.33 13.82 -4.70
C THR A 205 36.17 14.28 -5.90
N GLY A 206 37.28 13.63 -6.24
CA GLY A 206 37.69 12.35 -5.76
C GLY A 206 38.41 11.70 -6.93
N LYS A 207 37.70 11.46 -8.03
CA LYS A 207 38.09 10.45 -9.00
C LYS A 207 37.13 10.38 -10.15
N PRO A 208 37.56 9.96 -11.31
CA PRO A 208 36.68 9.94 -12.47
C PRO A 208 35.61 8.88 -12.34
N PRO A 209 34.45 9.15 -12.89
CA PRO A 209 33.29 8.27 -12.78
C PRO A 209 33.56 6.88 -13.33
N SER A 210 32.95 5.88 -12.75
CA SER A 210 33.06 4.51 -13.25
C SER A 210 31.77 4.02 -13.92
N ASP A 211 30.72 4.82 -13.83
CA ASP A 211 29.47 4.51 -14.52
C ASP A 211 28.81 5.83 -14.89
N SER A 212 27.88 5.78 -15.85
CA SER A 212 27.25 6.98 -16.36
C SER A 212 25.82 6.67 -16.77
N CYS A 213 25.08 7.70 -17.19
CA CYS A 213 23.70 7.52 -17.62
C CYS A 213 23.62 6.73 -18.91
N SER A 214 24.73 6.62 -19.62
CA SER A 214 24.75 5.88 -20.87
C SER A 214 25.20 4.44 -20.68
N GLY A 215 25.63 4.12 -19.45
CA GLY A 215 26.11 2.77 -19.17
C GLY A 215 25.03 1.71 -19.30
N SER A 216 25.45 0.47 -19.40
CA SER A 216 24.52 -0.67 -19.51
C SER A 216 23.53 -0.72 -18.33
N SER A 217 24.04 -0.57 -17.11
CA SER A 217 23.19 -0.72 -15.93
C SER A 217 22.05 0.30 -15.88
N ILE A 218 22.34 1.54 -16.27
CA ILE A 218 21.29 2.56 -16.32
C ILE A 218 20.31 2.29 -17.47
N ARG A 219 20.78 1.74 -18.58
CA ARG A 219 19.85 1.37 -19.63
C ARG A 219 18.89 0.28 -19.12
N LYS A 220 19.38 -0.58 -18.23
CA LYS A 220 18.54 -1.60 -17.60
C LYS A 220 17.44 -0.94 -16.78
N LEU A 221 17.83 0.09 -16.01
CA LEU A 221 16.87 0.85 -15.21
C LEU A 221 15.84 1.54 -16.10
N LYS A 222 16.29 2.19 -17.17
CA LYS A 222 15.33 2.86 -18.04
C LYS A 222 14.31 1.87 -18.59
N SER A 223 14.75 0.65 -18.86
CA SER A 223 13.86 -0.38 -19.41
C SER A 223 12.76 -0.74 -18.41
N ILE A 224 13.12 -0.89 -17.14
CA ILE A 224 12.15 -1.15 -16.10
C ILE A 224 11.15 0.00 -15.98
N LEU A 225 11.64 1.23 -16.03
CA LEU A 225 10.79 2.41 -15.91
C LEU A 225 9.87 2.57 -17.11
N ASP A 226 10.37 2.29 -18.31
CA ASP A 226 9.53 2.35 -19.50
C ASP A 226 8.32 1.44 -19.25
N GLY A 227 8.59 0.27 -18.69
CA GLY A 227 7.54 -0.69 -18.38
C GLY A 227 6.54 -0.22 -17.34
N ARG A 228 6.97 0.67 -16.46
CA ARG A 228 6.08 1.20 -15.42
C ARG A 228 5.45 2.51 -15.89
N ASN A 229 5.67 2.85 -17.16
CA ASN A 229 5.20 4.14 -17.66
C ASN A 229 5.72 5.29 -16.79
N VAL A 230 6.99 5.22 -16.43
CA VAL A 230 7.61 6.25 -15.61
C VAL A 230 8.60 7.06 -16.45
N LYS A 231 8.38 8.36 -16.57
CA LYS A 231 9.33 9.24 -17.25
C LYS A 231 10.64 9.30 -16.48
N PHE A 232 11.75 9.26 -17.20
CA PHE A 232 13.07 9.12 -16.60
C PHE A 232 14.03 10.20 -17.11
N ARG A 233 14.60 10.95 -16.17
CA ARG A 233 15.64 11.92 -16.47
C ARG A 233 16.88 11.55 -15.68
N CYS A 234 18.02 11.46 -16.36
CA CYS A 234 19.24 11.02 -15.67
C CYS A 234 20.32 12.08 -15.79
N MET A 235 21.00 12.36 -14.68
N MET A 235 20.98 12.38 -14.67
CA MET A 235 22.11 13.30 -14.66
CA MET A 235 22.10 13.32 -14.66
C MET A 235 23.33 12.60 -14.11
C MET A 235 23.33 12.62 -14.10
N ASP A 236 24.50 12.92 -14.65
CA ASP A 236 25.73 12.26 -14.22
C ASP A 236 26.97 13.14 -14.28
N ASN A 237 28.13 12.51 -14.13
CA ASN A 237 29.40 13.22 -14.14
C ASN A 237 29.42 14.40 -13.17
N LEU A 238 28.96 14.15 -11.94
CA LEU A 238 28.95 15.15 -10.89
C LEU A 238 29.64 14.56 -9.68
N SER A 239 30.50 15.33 -9.04
CA SER A 239 31.08 14.91 -7.79
C SER A 239 30.06 15.14 -6.68
N ARG A 240 30.33 14.55 -5.52
CA ARG A 240 29.50 14.75 -4.34
C ARG A 240 29.26 16.24 -4.07
N ASP A 241 30.33 17.03 -4.02
CA ASP A 241 30.20 18.46 -3.77
C ASP A 241 29.40 19.15 -4.87
N GLN A 242 29.75 18.88 -6.13
CA GLN A 242 28.99 19.43 -7.26
C GLN A 242 27.52 19.05 -7.21
N PHE A 243 27.26 17.80 -6.83
CA PHE A 243 25.88 17.34 -6.76
C PHE A 243 25.14 18.16 -5.72
N LEU A 244 25.73 18.26 -4.53
CA LEU A 244 25.10 18.97 -3.43
C LEU A 244 24.98 20.47 -3.68
N GLN A 245 25.64 20.95 -4.73
CA GLN A 245 25.49 22.34 -5.17
C GLN A 245 24.33 22.48 -6.16
N ARG A 246 23.98 21.39 -6.81
CA ARG A 246 22.85 21.36 -7.74
C ARG A 246 21.88 20.25 -7.37
N LEU B 8 -24.04 -25.98 5.33
CA LEU B 8 -25.08 -25.77 6.33
C LEU B 8 -25.80 -24.44 6.10
N ASN B 9 -27.14 -24.44 6.27
CA ASN B 9 -27.96 -23.32 5.82
C ASN B 9 -28.36 -22.40 6.97
N ARG B 10 -27.61 -22.35 8.02
CA ARG B 10 -27.96 -21.59 9.23
C ARG B 10 -27.86 -20.08 9.08
N TRP B 11 -27.02 -19.61 8.16
CA TRP B 11 -26.78 -18.17 8.02
C TRP B 11 -27.93 -17.48 7.29
N HIS B 12 -27.96 -16.16 7.39
CA HIS B 12 -29.00 -15.35 6.76
C HIS B 12 -28.69 -14.99 5.31
N GLY B 13 -27.43 -15.13 4.92
CA GLY B 13 -27.01 -14.69 3.59
C GLY B 13 -27.02 -15.77 2.54
N ALA B 14 -27.22 -15.36 1.30
CA ALA B 14 -27.13 -16.28 0.17
C ALA B 14 -25.82 -17.04 0.25
N GLY B 15 -25.84 -18.32 -0.09
CA GLY B 15 -24.64 -19.14 -0.04
C GLY B 15 -23.57 -18.65 -1.00
N SER B 16 -22.45 -19.35 -1.02
CA SER B 16 -21.33 -18.96 -1.87
C SER B 16 -21.72 -19.05 -3.34
N THR B 17 -21.14 -18.17 -4.16
CA THR B 17 -21.34 -18.24 -5.60
C THR B 17 -20.85 -19.61 -6.06
N ALA B 18 -21.72 -20.35 -6.74
CA ALA B 18 -21.30 -21.59 -7.40
C ALA B 18 -20.28 -21.26 -8.48
N ASP B 19 -19.30 -22.14 -8.66
CA ASP B 19 -18.23 -21.92 -9.62
C ASP B 19 -17.26 -20.86 -9.16
N PHE B 20 -17.34 -20.46 -7.89
CA PHE B 20 -16.47 -19.40 -7.38
C PHE B 20 -15.02 -19.57 -7.85
N GLN B 21 -14.46 -20.76 -7.68
CA GLN B 21 -13.06 -20.98 -8.05
C GLN B 21 -12.83 -20.81 -9.54
N LYS B 22 -13.72 -21.35 -10.35
CA LYS B 22 -13.58 -21.24 -11.80
C LYS B 22 -13.70 -19.76 -12.17
N ILE B 23 -14.62 -19.07 -11.53
CA ILE B 23 -14.90 -17.68 -11.88
C ILE B 23 -13.70 -16.81 -11.53
N ILE B 24 -13.09 -17.07 -10.38
CA ILE B 24 -11.89 -16.33 -9.99
C ILE B 24 -10.76 -16.53 -11.00
N GLN B 25 -10.54 -17.74 -11.44
CA GLN B 25 -9.47 -17.99 -12.37
C GLN B 25 -9.74 -17.37 -13.70
N GLU B 26 -10.94 -17.47 -14.19
CA GLU B 26 -11.28 -16.88 -15.49
C GLU B 26 -11.12 -15.37 -15.49
N ARG B 27 -11.60 -14.72 -14.45
CA ARG B 27 -11.48 -13.27 -14.35
C ARG B 27 -10.04 -12.81 -14.19
N CYS B 28 -9.24 -13.61 -13.50
CA CYS B 28 -7.84 -13.28 -13.31
C CYS B 28 -7.13 -13.33 -14.67
N ASP B 29 -7.34 -14.40 -15.43
CA ASP B 29 -6.82 -14.46 -16.80
C ASP B 29 -7.28 -13.29 -17.65
N THR B 30 -8.58 -13.02 -17.65
CA THR B 30 -9.08 -11.88 -18.41
C THR B 30 -8.41 -10.56 -18.00
N TYR B 31 -8.30 -10.32 -16.70
CA TYR B 31 -7.77 -9.06 -16.23
C TYR B 31 -6.29 -8.90 -16.61
N THR B 32 -5.49 -9.90 -16.26
CA THR B 32 -4.04 -9.79 -16.44
C THR B 32 -3.61 -9.86 -17.90
N GLN B 33 -4.45 -10.42 -18.76
CA GLN B 33 -4.07 -10.60 -20.17
C GLN B 33 -4.77 -9.65 -21.13
N THR B 34 -6.01 -9.30 -20.82
CA THR B 34 -6.81 -8.51 -21.75
C THR B 34 -7.23 -7.12 -21.26
N ILE B 35 -7.37 -6.96 -19.96
CA ILE B 35 -7.88 -5.69 -19.41
C ILE B 35 -6.74 -4.76 -19.03
N ARG B 36 -5.88 -5.24 -18.15
CA ARG B 36 -4.83 -4.43 -17.58
C ARG B 36 -3.57 -5.26 -17.42
N PRO B 37 -2.95 -5.63 -18.55
CA PRO B 37 -1.68 -6.35 -18.50
C PRO B 37 -0.70 -5.50 -17.72
N GLY B 38 0.09 -6.09 -16.84
CA GLY B 38 1.05 -5.34 -16.04
C GLY B 38 2.41 -5.25 -16.69
N SER B 39 3.37 -4.63 -16.00
CA SER B 39 4.73 -4.51 -16.53
C SER B 39 5.42 -5.85 -16.41
N ARG B 40 4.95 -6.65 -15.46
CA ARG B 40 5.39 -8.03 -15.36
C ARG B 40 4.20 -8.90 -15.00
N SER B 41 4.41 -10.21 -15.04
CA SER B 41 3.34 -11.17 -14.90
C SER B 41 2.96 -11.41 -13.45
N ARG B 42 1.70 -11.76 -13.23
CA ARG B 42 1.23 -12.21 -11.93
C ARG B 42 0.69 -13.61 -12.16
N ASN B 43 0.97 -14.51 -11.23
CA ASN B 43 0.58 -15.91 -11.35
C ASN B 43 -0.86 -16.10 -10.88
N CYS B 44 -1.79 -16.25 -11.81
CA CYS B 44 -3.21 -16.31 -11.46
C CYS B 44 -3.57 -17.56 -10.65
N GLN B 45 -2.81 -18.63 -10.84
CA GLN B 45 -3.04 -19.83 -10.06
C GLN B 45 -2.69 -19.51 -8.61
N ALA B 46 -1.56 -18.84 -8.40
CA ALA B 46 -1.15 -18.46 -7.04
C ALA B 46 -2.14 -17.50 -6.38
N ILE B 47 -2.65 -16.54 -7.16
CA ILE B 47 -3.65 -15.61 -6.65
C ILE B 47 -4.92 -16.37 -6.23
N ARG B 48 -5.40 -17.26 -7.08
CA ARG B 48 -6.59 -18.03 -6.71
C ARG B 48 -6.37 -18.92 -5.48
N GLN B 49 -5.22 -19.57 -5.41
CA GLN B 49 -4.91 -20.42 -4.26
C GLN B 49 -4.91 -19.60 -2.97
N ALA B 50 -4.35 -18.39 -3.03
CA ALA B 50 -4.25 -17.53 -1.87
C ALA B 50 -5.62 -17.03 -1.43
N PHE B 51 -6.45 -16.72 -2.41
CA PHE B 51 -7.84 -16.31 -2.15
C PHE B 51 -8.56 -17.45 -1.41
N MET B 52 -8.50 -18.66 -1.94
CA MET B 52 -9.13 -19.82 -1.29
C MET B 52 -8.59 -20.08 0.13
N SER B 53 -7.28 -20.05 0.29
CA SER B 53 -6.65 -20.34 1.58
C SER B 53 -7.03 -19.33 2.67
N ALA B 54 -7.39 -18.13 2.25
CA ALA B 54 -7.76 -17.09 3.22
C ALA B 54 -8.96 -17.50 4.07
N PHE B 55 -9.90 -18.22 3.46
CA PHE B 55 -11.20 -18.44 4.12
C PHE B 55 -11.65 -19.90 4.22
N ILE B 56 -11.13 -20.77 3.36
CA ILE B 56 -11.63 -22.14 3.34
C ILE B 56 -11.38 -22.89 4.65
N SER B 57 -12.36 -23.71 5.06
CA SER B 57 -12.24 -24.52 6.26
C SER B 57 -12.05 -23.69 7.53
N LYS B 58 -12.61 -22.48 7.53
CA LYS B 58 -12.52 -21.60 8.70
C LYS B 58 -13.89 -21.17 9.17
N ASP B 59 -13.98 -20.83 10.44
CA ASP B 59 -15.20 -20.25 11.00
C ASP B 59 -15.55 -18.96 10.26
N PRO B 60 -16.68 -18.97 9.54
CA PRO B 60 -17.08 -17.86 8.67
C PRO B 60 -17.31 -16.56 9.43
N CYS B 61 -17.32 -16.62 10.76
CA CYS B 61 -17.50 -15.42 11.56
C CYS B 61 -16.27 -15.07 12.39
N LYS B 62 -15.12 -15.65 12.04
CA LYS B 62 -13.87 -15.32 12.74
C LYS B 62 -12.84 -14.71 11.79
N ALA B 63 -13.32 -14.13 10.70
CA ALA B 63 -12.44 -13.51 9.72
C ALA B 63 -11.71 -12.31 10.32
N THR B 64 -10.44 -12.17 9.96
CA THR B 64 -9.63 -11.03 10.35
C THR B 64 -8.90 -10.49 9.13
N LYS B 65 -8.51 -9.23 9.19
CA LYS B 65 -7.82 -8.62 8.06
C LYS B 65 -6.57 -9.42 7.73
N GLU B 66 -5.93 -9.95 8.76
CA GLU B 66 -4.67 -10.66 8.59
C GLU B 66 -4.85 -11.86 7.65
N ASP B 67 -6.04 -12.45 7.62
CA ASP B 67 -6.30 -13.63 6.79
C ASP B 67 -6.09 -13.33 5.31
N TYR B 68 -6.20 -12.06 4.94
CA TYR B 68 -6.04 -11.65 3.55
C TYR B 68 -4.65 -11.07 3.19
N ASN B 69 -3.70 -11.18 4.11
CA ASN B 69 -2.34 -10.64 3.90
C ASN B 69 -1.67 -11.18 2.64
N SER B 70 -1.63 -12.51 2.52
CA SER B 70 -0.99 -13.13 1.35
C SER B 70 -1.64 -12.65 0.05
N LEU B 71 -2.96 -12.67 0.01
CA LEU B 71 -3.72 -12.26 -1.17
C LEU B 71 -3.44 -10.82 -1.60
N ILE B 72 -3.54 -9.88 -0.66
CA ILE B 72 -3.33 -8.48 -1.02
C ILE B 72 -1.87 -8.27 -1.43
N ASN B 73 -0.95 -9.00 -0.82
CA ASN B 73 0.46 -8.84 -1.16
C ASN B 73 0.75 -9.29 -2.59
N LEU B 74 -0.04 -10.25 -3.07
CA LEU B 74 0.08 -10.76 -4.45
C LEU B 74 -0.45 -9.75 -5.48
N ALA B 75 -1.38 -8.90 -5.08
CA ALA B 75 -2.00 -7.97 -6.03
C ALA B 75 -2.58 -6.75 -5.33
N PRO B 76 -1.72 -5.83 -4.87
CA PRO B 76 -2.21 -4.68 -4.09
C PRO B 76 -3.08 -3.78 -4.95
N PRO B 77 -4.22 -3.31 -4.42
CA PRO B 77 -5.15 -2.51 -5.24
C PRO B 77 -4.74 -1.06 -5.31
N THR B 78 -3.61 -0.79 -5.96
CA THR B 78 -3.07 0.55 -6.06
C THR B 78 -3.11 0.99 -7.52
N VAL B 79 -3.26 2.30 -7.75
CA VAL B 79 -3.34 2.83 -9.12
C VAL B 79 -2.68 4.20 -9.22
N PRO B 80 -2.37 4.66 -10.45
CA PRO B 80 -1.74 5.97 -10.68
C PRO B 80 -2.49 7.11 -10.00
N CYS B 81 -1.76 8.15 -9.61
CA CYS B 81 -2.37 9.33 -9.01
C CYS B 81 -3.43 9.90 -9.93
N GLY B 82 -4.50 10.39 -9.32
CA GLY B 82 -5.60 11.03 -10.04
C GLY B 82 -6.54 10.07 -10.75
N GLN B 83 -6.34 8.77 -10.55
CA GLN B 83 -7.09 7.79 -11.30
C GLN B 83 -8.31 7.25 -10.55
N GLN B 84 -8.35 7.51 -9.25
CA GLN B 84 -9.27 6.80 -8.36
C GLN B 84 -10.65 7.42 -8.37
N VAL B 85 -11.66 6.55 -8.48
CA VAL B 85 -13.05 6.94 -8.35
C VAL B 85 -13.64 6.16 -7.18
N PHE B 86 -14.04 6.88 -6.13
CA PHE B 86 -14.73 6.26 -5.01
C PHE B 86 -16.23 6.36 -5.22
N TRP B 87 -17.00 5.53 -4.53
CA TRP B 87 -18.45 5.61 -4.68
C TRP B 87 -19.19 5.09 -3.45
N SER B 88 -20.45 5.49 -3.34
CA SER B 88 -21.28 5.04 -2.24
C SER B 88 -22.72 5.21 -2.66
N LYS B 89 -23.45 4.10 -2.75
CA LYS B 89 -24.85 4.14 -3.13
C LYS B 89 -25.01 4.61 -4.57
N THR B 90 -23.96 4.47 -5.36
CA THR B 90 -23.98 4.96 -6.74
C THR B 90 -23.24 4.02 -7.69
N LYS B 91 -23.22 2.74 -7.33
CA LYS B 91 -22.42 1.76 -8.05
C LYS B 91 -22.50 1.83 -9.58
N GLU B 92 -23.71 1.71 -10.13
CA GLU B 92 -23.86 1.68 -11.59
C GLU B 92 -23.39 2.99 -12.23
N LEU B 93 -23.86 4.10 -11.70
CA LEU B 93 -23.46 5.41 -12.17
C LEU B 93 -21.93 5.59 -12.11
N ALA B 94 -21.37 5.47 -10.92
CA ALA B 94 -19.95 5.64 -10.70
C ALA B 94 -19.11 4.82 -11.67
N HIS B 95 -19.53 3.60 -11.95
CA HIS B 95 -18.76 2.71 -12.82
CA HIS B 95 -18.76 2.70 -12.82
C HIS B 95 -18.88 3.08 -14.29
N GLU B 96 -20.04 3.60 -14.67
CA GLU B 96 -20.24 4.04 -16.05
C GLU B 96 -19.44 5.33 -16.23
N TYR B 97 -19.49 6.17 -15.21
CA TYR B 97 -18.62 7.34 -15.13
C TYR B 97 -17.15 6.91 -15.35
N ALA B 98 -16.65 6.07 -14.45
CA ALA B 98 -15.27 5.61 -14.52
C ALA B 98 -14.90 5.11 -15.91
N LYS B 99 -15.69 4.18 -16.43
CA LYS B 99 -15.46 3.64 -17.76
C LYS B 99 -15.31 4.74 -18.81
N ARG B 100 -16.29 5.63 -18.87
CA ARG B 100 -16.28 6.69 -19.88
C ARG B 100 -15.07 7.62 -19.78
N ARG B 101 -14.63 7.90 -18.56
CA ARG B 101 -13.52 8.83 -18.35
C ARG B 101 -12.19 8.08 -18.22
N ARG B 102 -12.24 6.77 -18.45
CA ARG B 102 -11.07 5.91 -18.32
C ARG B 102 -10.38 6.08 -16.98
N LEU B 103 -11.18 6.14 -15.91
CA LEU B 103 -10.68 6.16 -14.55
C LEU B 103 -10.83 4.79 -13.90
N MET B 104 -10.54 4.69 -12.61
CA MET B 104 -10.61 3.39 -11.93
C MET B 104 -11.33 3.42 -10.60
N THR B 105 -12.35 2.58 -10.49
CA THR B 105 -12.98 2.30 -9.21
C THR B 105 -12.24 1.13 -8.63
N LEU B 106 -12.54 0.81 -7.38
CA LEU B 106 -12.00 -0.37 -6.72
C LEU B 106 -12.26 -1.63 -7.55
N GLU B 107 -13.39 -1.65 -8.24
CA GLU B 107 -13.75 -2.83 -9.03
C GLU B 107 -12.95 -2.94 -10.33
N ASP B 108 -12.07 -1.97 -10.58
CA ASP B 108 -11.18 -2.01 -11.73
C ASP B 108 -9.76 -2.43 -11.36
N THR B 109 -9.53 -2.65 -10.08
CA THR B 109 -8.27 -3.23 -9.62
C THR B 109 -8.37 -4.73 -9.83
N LEU B 110 -7.23 -5.43 -9.81
CA LEU B 110 -7.25 -6.86 -10.07
C LEU B 110 -8.16 -7.59 -9.08
N LEU B 111 -7.94 -7.38 -7.79
CA LEU B 111 -8.69 -8.10 -6.77
C LEU B 111 -10.16 -7.65 -6.75
N GLY B 112 -10.39 -6.36 -6.97
CA GLY B 112 -11.74 -5.82 -6.98
C GLY B 112 -12.52 -6.43 -8.14
N TYR B 113 -11.85 -6.54 -9.29
CA TYR B 113 -12.43 -7.17 -10.47
C TYR B 113 -12.73 -8.65 -10.28
N LEU B 114 -11.80 -9.39 -9.67
CA LEU B 114 -12.04 -10.79 -9.34
C LEU B 114 -13.30 -10.98 -8.48
N ALA B 115 -13.46 -10.15 -7.45
CA ALA B 115 -14.44 -10.41 -6.40
C ALA B 115 -15.81 -9.75 -6.62
N ASP B 116 -15.86 -8.78 -7.52
CA ASP B 116 -17.06 -8.01 -7.74
C ASP B 116 -18.29 -8.90 -7.98
N GLY B 117 -19.31 -8.70 -7.16
CA GLY B 117 -20.58 -9.40 -7.32
C GLY B 117 -20.60 -10.83 -6.85
N LEU B 118 -19.52 -11.30 -6.23
CA LEU B 118 -19.46 -12.70 -5.79
C LEU B 118 -19.70 -12.84 -4.28
N ARG B 119 -20.02 -14.07 -3.85
CA ARG B 119 -20.14 -14.39 -2.43
C ARG B 119 -19.29 -15.61 -2.16
N TRP B 120 -18.74 -15.69 -0.95
CA TRP B 120 -17.97 -16.85 -0.56
C TRP B 120 -17.89 -16.97 0.96
N CYS B 121 -17.94 -18.20 1.46
CA CYS B 121 -17.65 -18.48 2.86
C CYS B 121 -17.36 -19.96 2.97
N GLY B 122 -16.60 -20.33 4.00
CA GLY B 122 -16.28 -21.72 4.23
C GLY B 122 -16.92 -22.21 5.51
N GLU B 123 -16.56 -23.42 5.91
CA GLU B 123 -17.09 -24.05 7.11
C GLU B 123 -15.96 -24.90 7.68
N PRO B 124 -15.77 -24.82 9.00
CA PRO B 124 -14.67 -25.51 9.67
C PRO B 124 -14.70 -27.01 9.43
N GLY B 125 -13.54 -27.58 9.08
CA GLY B 125 -13.43 -29.01 8.87
C GLY B 125 -13.92 -29.46 7.50
N SER B 126 -14.20 -28.49 6.63
CA SER B 126 -14.64 -28.78 5.27
C SER B 126 -13.77 -28.05 4.26
N SER B 127 -13.38 -28.75 3.20
CA SER B 127 -12.47 -28.19 2.20
C SER B 127 -13.23 -27.49 1.09
N ASP B 128 -14.56 -27.42 1.22
CA ASP B 128 -15.38 -26.85 0.17
C ASP B 128 -16.07 -25.58 0.60
N LEU B 129 -16.48 -24.77 -0.37
CA LEU B 129 -17.29 -23.59 -0.07
C LEU B 129 -18.64 -24.00 0.49
N ASN B 130 -19.24 -23.10 1.26
CA ASN B 130 -20.60 -23.31 1.72
C ASN B 130 -21.58 -22.78 0.71
N ILE B 131 -22.15 -23.70 -0.07
CA ILE B 131 -23.06 -23.33 -1.14
C ILE B 131 -24.45 -23.02 -0.60
N TRP B 132 -24.71 -23.47 0.63
CA TRP B 132 -26.02 -23.30 1.26
C TRP B 132 -26.28 -21.88 1.73
N SER B 133 -25.47 -21.39 2.66
N SER B 133 -25.48 -21.39 2.68
CA SER B 133 -25.61 -20.03 3.18
CA SER B 133 -25.63 -20.03 3.22
C SER B 133 -24.28 -19.45 3.65
C SER B 133 -24.29 -19.43 3.63
N CYS B 134 -24.22 -18.13 3.75
CA CYS B 134 -23.07 -17.42 4.30
C CYS B 134 -23.54 -16.32 5.23
N PRO B 135 -22.71 -15.95 6.22
CA PRO B 135 -23.05 -14.91 7.19
C PRO B 135 -23.44 -13.58 6.54
N ASP B 136 -24.62 -13.08 6.89
CA ASP B 136 -25.00 -11.72 6.53
C ASP B 136 -24.30 -10.77 7.49
N TRP B 137 -23.80 -9.66 6.97
CA TRP B 137 -23.00 -8.77 7.81
C TRP B 137 -23.84 -8.00 8.83
N ARG B 138 -25.14 -7.93 8.59
CA ARG B 138 -26.04 -7.31 9.56
C ARG B 138 -26.61 -8.32 10.54
N LYS B 139 -27.23 -9.38 10.01
CA LYS B 139 -27.94 -10.35 10.86
C LYS B 139 -27.06 -11.43 11.48
N ASP B 140 -25.86 -11.65 10.95
CA ASP B 140 -24.98 -12.70 11.46
C ASP B 140 -23.73 -12.17 12.19
N CYS B 141 -22.80 -11.60 11.45
CA CYS B 141 -21.56 -11.08 12.05
C CYS B 141 -20.88 -10.15 11.06
N ARG B 142 -20.18 -9.17 11.62
CA ARG B 142 -19.47 -8.18 10.84
C ARG B 142 -18.15 -8.74 10.37
N THR B 143 -17.61 -9.63 11.18
CA THR B 143 -16.35 -10.27 10.98
C THR B 143 -16.46 -11.50 10.10
N ASN B 144 -17.05 -11.31 8.94
CA ASN B 144 -17.20 -12.37 7.97
C ASN B 144 -16.22 -12.13 6.81
N TYR B 145 -15.94 -13.18 6.04
CA TYR B 145 -14.89 -13.10 5.04
C TYR B 145 -15.22 -12.16 3.88
N LEU B 146 -16.51 -12.00 3.60
CA LEU B 146 -16.94 -11.12 2.51
C LEU B 146 -16.76 -9.64 2.91
N SER B 147 -17.22 -9.28 4.09
CA SER B 147 -17.11 -7.89 4.52
C SER B 147 -15.66 -7.51 4.80
N VAL B 148 -14.91 -8.43 5.39
CA VAL B 148 -13.51 -8.16 5.74
C VAL B 148 -12.68 -7.97 4.47
N PHE B 149 -12.96 -8.79 3.46
CA PHE B 149 -12.27 -8.62 2.18
C PHE B 149 -12.44 -7.20 1.63
N TRP B 150 -13.68 -6.76 1.49
CA TRP B 150 -13.93 -5.42 0.94
C TRP B 150 -13.37 -4.29 1.80
N GLU B 151 -13.39 -4.46 3.12
CA GLU B 151 -12.81 -3.44 3.98
C GLU B 151 -11.30 -3.36 3.80
N VAL B 152 -10.64 -4.53 3.76
CA VAL B 152 -9.20 -4.59 3.54
C VAL B 152 -8.80 -3.94 2.22
N LEU B 153 -9.47 -4.35 1.14
CA LEU B 153 -9.24 -3.79 -0.19
C LEU B 153 -9.50 -2.29 -0.19
N SER B 154 -10.66 -1.91 0.32
CA SER B 154 -11.07 -0.51 0.34
C SER B 154 -10.06 0.37 1.04
N GLU B 155 -9.51 -0.12 2.14
CA GLU B 155 -8.56 0.65 2.94
C GLU B 155 -7.28 0.95 2.17
N ARG B 156 -6.75 -0.07 1.50
CA ARG B 156 -5.49 0.08 0.78
C ARG B 156 -5.69 0.97 -0.45
N PHE B 157 -6.84 0.84 -1.09
CA PHE B 157 -7.17 1.62 -2.27
C PHE B 157 -7.29 3.09 -1.88
N ALA B 158 -7.91 3.35 -0.74
CA ALA B 158 -8.02 4.71 -0.23
C ALA B 158 -6.65 5.25 0.16
N GLU B 159 -5.86 4.40 0.82
CA GLU B 159 -4.51 4.78 1.22
C GLU B 159 -3.69 5.17 0.02
N SER B 160 -3.96 4.53 -1.11
CA SER B 160 -3.10 4.67 -2.28
C SER B 160 -3.37 5.96 -3.05
N ALA B 161 -4.48 6.63 -2.72
CA ALA B 161 -4.90 7.79 -3.51
C ALA B 161 -3.89 8.94 -3.42
N CYS B 162 -3.73 9.67 -4.52
CA CYS B 162 -2.88 10.86 -4.52
C CYS B 162 -3.37 11.86 -5.56
N ASN B 163 -2.93 13.11 -5.41
CA ASN B 163 -3.41 14.23 -6.20
C ASN B 163 -4.93 14.34 -6.14
N THR B 164 -5.58 14.58 -7.27
CA THR B 164 -7.02 14.82 -7.26
C THR B 164 -7.82 13.54 -7.45
N VAL B 165 -8.67 13.22 -6.49
CA VAL B 165 -9.52 12.04 -6.58
C VAL B 165 -10.99 12.38 -6.37
N ARG B 166 -11.88 11.49 -6.78
CA ARG B 166 -13.31 11.81 -6.77
C ARG B 166 -14.19 10.75 -6.13
N VAL B 167 -15.34 11.19 -5.63
CA VAL B 167 -16.32 10.28 -5.07
C VAL B 167 -17.70 10.65 -5.61
N VAL B 168 -18.45 9.64 -6.04
CA VAL B 168 -19.77 9.84 -6.60
C VAL B 168 -20.83 9.49 -5.56
N LEU B 169 -21.53 10.51 -5.06
CA LEU B 169 -22.55 10.30 -4.04
C LEU B 169 -23.98 10.44 -4.60
N ASN B 170 -24.95 9.88 -3.86
CA ASN B 170 -26.36 9.83 -4.28
C ASN B 170 -27.16 10.72 -3.33
N GLY B 171 -28.16 11.44 -3.85
CA GLY B 171 -29.03 12.18 -2.94
C GLY B 171 -29.92 13.30 -3.44
N SER B 172 -31.21 13.02 -3.68
CA SER B 172 -31.83 11.68 -3.65
C SER B 172 -31.88 10.92 -2.31
N LEU B 173 -30.84 11.06 -1.49
CA LEU B 173 -30.82 10.46 -0.17
C LEU B 173 -30.69 11.58 0.86
N GLU B 174 -31.34 11.42 2.00
CA GLU B 174 -31.32 12.48 3.01
C GLU B 174 -29.91 12.69 3.55
N ASN B 175 -29.03 11.71 3.32
CA ASN B 175 -27.62 11.83 3.68
C ASN B 175 -26.72 11.28 2.60
N ALA B 176 -26.36 12.12 1.62
CA ALA B 176 -25.48 11.72 0.54
C ALA B 176 -24.27 10.98 1.09
N PHE B 177 -23.80 11.42 2.26
CA PHE B 177 -22.67 10.81 2.91
C PHE B 177 -23.11 10.02 4.13
N ASP B 178 -23.06 8.69 4.02
CA ASP B 178 -23.36 7.84 5.16
C ASP B 178 -22.08 7.53 5.93
N SER B 179 -22.03 7.96 7.19
CA SER B 179 -20.82 7.82 7.99
C SER B 179 -20.54 6.36 8.36
N MET B 180 -21.53 5.50 8.16
CA MET B 180 -21.37 4.08 8.46
C MET B 180 -21.22 3.19 7.23
N SER B 181 -21.08 3.78 6.05
CA SER B 181 -20.82 2.99 4.86
C SER B 181 -19.34 2.65 4.80
N ILE B 182 -18.97 1.75 3.90
CA ILE B 182 -17.56 1.46 3.70
C ILE B 182 -16.83 2.75 3.31
N PHE B 183 -17.39 3.52 2.38
CA PHE B 183 -16.76 4.78 2.04
C PHE B 183 -16.54 5.63 3.30
N GLY B 184 -17.55 5.67 4.17
CA GLY B 184 -17.50 6.47 5.37
C GLY B 184 -16.57 6.02 6.47
N ARG B 185 -16.56 4.71 6.77
CA ARG B 185 -15.75 4.20 7.87
C ARG B 185 -14.30 3.93 7.48
N VAL B 186 -14.27 3.59 6.20
CA VAL B 186 -12.99 3.01 5.81
C VAL B 186 -12.25 3.80 4.73
N GLN B 187 -12.93 4.39 3.79
CA GLN B 187 -12.21 5.04 2.73
C GLN B 187 -11.86 6.46 3.05
N ALA B 188 -12.85 7.33 3.10
CA ALA B 188 -12.63 8.73 3.42
C ALA B 188 -11.60 8.94 4.54
N PRO B 189 -11.75 8.22 5.66
CA PRO B 189 -10.81 8.44 6.77
C PRO B 189 -9.39 7.93 6.51
N ASN B 190 -9.14 7.30 5.38
CA ASN B 190 -7.80 6.80 5.09
C ASN B 190 -7.09 7.50 3.93
N LEU B 191 -7.72 8.54 3.40
CA LEU B 191 -7.11 9.40 2.39
C LEU B 191 -5.91 10.17 2.95
N ARG B 192 -4.82 10.21 2.18
CA ARG B 192 -3.60 10.88 2.63
C ARG B 192 -3.75 12.39 2.62
N PRO B 193 -3.03 13.08 3.53
CA PRO B 193 -3.06 14.54 3.54
C PRO B 193 -2.66 15.09 2.18
N GLN B 194 -3.24 16.22 1.81
CA GLN B 194 -2.88 16.94 0.58
C GLN B 194 -3.49 16.30 -0.67
N VAL B 195 -4.04 15.10 -0.52
CA VAL B 195 -4.95 14.57 -1.52
C VAL B 195 -6.13 15.53 -1.62
N GLU B 196 -6.59 15.81 -2.84
CA GLU B 196 -7.77 16.64 -3.04
C GLU B 196 -8.97 15.81 -3.47
N LEU B 197 -9.97 15.71 -2.60
CA LEU B 197 -11.18 14.94 -2.90
C LEU B 197 -12.29 15.80 -3.49
N GLU B 198 -12.74 15.44 -4.70
CA GLU B 198 -13.91 16.07 -5.30
C GLU B 198 -15.13 15.20 -5.07
N ALA B 199 -16.14 15.74 -4.40
CA ALA B 199 -17.40 15.03 -4.21
C ALA B 199 -18.43 15.52 -5.21
N TRP B 200 -19.07 14.59 -5.89
CA TRP B 200 -20.08 14.88 -6.91
C TRP B 200 -21.45 14.34 -6.51
N LEU B 201 -22.24 15.17 -5.84
CA LEU B 201 -23.57 14.76 -5.37
C LEU B 201 -24.56 14.73 -6.52
N VAL B 202 -24.93 13.53 -6.94
CA VAL B 202 -25.77 13.34 -8.10
C VAL B 202 -27.16 12.80 -7.72
N HIS B 203 -28.21 13.56 -8.02
CA HIS B 203 -29.58 13.13 -7.77
C HIS B 203 -30.14 12.43 -9.01
N ASP B 204 -31.15 11.71 -8.89
CA ASP B 204 -31.76 10.86 -9.87
C ASP B 204 -32.17 11.52 -11.18
N THR B 205 -32.78 12.70 -11.15
CA THR B 205 -33.26 13.30 -12.41
C THR B 205 -34.30 12.49 -13.24
N GLY B 206 -35.34 12.03 -12.58
CA GLY B 206 -35.54 12.25 -11.17
C GLY B 206 -36.06 13.61 -10.78
N LYS B 207 -36.99 13.64 -9.85
CA LYS B 207 -37.38 14.86 -9.19
C LYS B 207 -36.23 15.26 -8.28
N PRO B 208 -36.34 16.43 -7.67
CA PRO B 208 -35.26 17.05 -6.92
C PRO B 208 -34.41 16.17 -6.01
N PRO B 209 -33.52 16.81 -5.25
CA PRO B 209 -32.41 16.20 -4.52
C PRO B 209 -32.68 15.49 -3.21
N SER B 210 -32.52 16.15 -2.10
CA SER B 210 -32.68 15.51 -0.82
C SER B 210 -31.49 15.80 0.03
N ASP B 211 -30.32 15.90 -0.60
CA ASP B 211 -29.14 16.39 0.12
C ASP B 211 -28.27 17.20 -0.84
N SER B 212 -27.38 18.01 -0.29
CA SER B 212 -26.53 18.85 -1.11
C SER B 212 -25.23 19.15 -0.37
N CYS B 213 -24.38 19.98 -0.98
CA CYS B 213 -23.08 20.29 -0.42
C CYS B 213 -23.20 21.19 0.81
N SER B 214 -24.41 21.37 1.34
CA SER B 214 -24.67 22.24 2.49
C SER B 214 -24.92 21.57 3.83
N GLY B 215 -25.32 20.31 3.73
CA GLY B 215 -26.04 19.65 4.78
C GLY B 215 -25.36 18.91 5.88
N SER B 216 -26.25 18.31 6.64
CA SER B 216 -25.74 17.44 7.70
C SER B 216 -24.68 16.48 7.15
N SER B 217 -25.07 15.64 6.17
CA SER B 217 -24.17 14.58 5.70
C SER B 217 -22.80 15.12 5.31
N ILE B 218 -22.73 16.24 4.66
CA ILE B 218 -21.44 16.80 4.38
C ILE B 218 -20.69 17.39 5.58
N ARG B 219 -21.23 18.33 6.35
CA ARG B 219 -20.40 18.76 7.48
C ARG B 219 -19.86 17.48 8.06
N LYS B 220 -20.55 16.40 7.82
CA LYS B 220 -20.06 15.08 8.14
C LYS B 220 -18.75 14.72 7.40
N LEU B 221 -18.80 14.61 6.08
CA LEU B 221 -17.64 14.21 5.34
C LEU B 221 -16.56 15.26 5.50
N LYS B 222 -16.94 16.48 5.18
CA LYS B 222 -15.97 17.57 5.18
C LYS B 222 -15.22 17.61 6.50
N SER B 223 -15.95 17.39 7.59
CA SER B 223 -15.33 17.35 8.91
C SER B 223 -14.22 16.30 8.97
N ILE B 224 -14.48 15.13 8.42
CA ILE B 224 -13.50 14.04 8.43
C ILE B 224 -12.26 14.43 7.64
N LEU B 225 -12.47 14.95 6.44
CA LEU B 225 -11.36 15.41 5.59
C LEU B 225 -10.52 16.45 6.30
N ASP B 226 -11.19 17.50 6.80
CA ASP B 226 -10.55 18.42 7.74
C ASP B 226 -10.02 17.56 8.88
N GLY B 227 -8.84 17.87 9.40
CA GLY B 227 -8.31 17.09 10.49
C GLY B 227 -7.58 15.85 10.02
N ARG B 228 -7.62 15.62 8.71
CA ARG B 228 -6.75 14.66 8.09
C ARG B 228 -5.88 15.41 7.09
N ASN B 229 -6.30 16.60 6.75
CA ASN B 229 -5.58 17.50 5.85
C ASN B 229 -5.88 17.20 4.39
N VAL B 230 -7.10 16.72 4.15
CA VAL B 230 -7.55 16.47 2.80
C VAL B 230 -8.37 17.66 2.31
N LYS B 231 -7.95 18.24 1.20
CA LYS B 231 -8.70 19.33 0.57
C LYS B 231 -10.01 18.80 -0.01
N PHE B 232 -11.02 19.66 -0.07
CA PHE B 232 -12.36 19.19 -0.46
C PHE B 232 -13.12 20.13 -1.39
N ARG B 233 -13.57 19.59 -2.52
CA ARG B 233 -14.46 20.32 -3.43
C ARG B 233 -15.77 19.57 -3.62
N CYS B 234 -16.88 20.25 -3.35
CA CYS B 234 -18.19 19.61 -3.42
C CYS B 234 -19.04 20.21 -4.53
N MET B 235 -19.35 19.41 -5.54
CA MET B 235 -20.20 19.83 -6.63
C MET B 235 -21.56 19.13 -6.53
N ASP B 236 -22.60 19.88 -6.17
CA ASP B 236 -23.93 19.29 -6.04
C ASP B 236 -24.89 19.78 -7.12
N ASN B 237 -26.18 19.78 -6.77
CA ASN B 237 -27.23 20.17 -7.71
C ASN B 237 -27.03 19.58 -9.10
N LEU B 238 -26.50 18.37 -9.16
CA LEU B 238 -26.24 17.70 -10.42
C LEU B 238 -27.17 16.50 -10.61
N SER B 239 -27.60 16.27 -11.84
CA SER B 239 -28.49 15.16 -12.15
C SER B 239 -27.70 13.95 -12.66
N ARG B 240 -28.41 12.96 -13.18
CA ARG B 240 -27.78 11.76 -13.71
C ARG B 240 -27.34 11.95 -15.15
N ASP B 241 -28.05 12.80 -15.87
CA ASP B 241 -27.73 13.08 -17.28
C ASP B 241 -26.68 14.18 -17.39
N GLN B 242 -26.80 15.20 -16.55
CA GLN B 242 -25.87 16.32 -16.56
C GLN B 242 -24.56 15.57 -16.34
N PHE B 243 -24.44 14.95 -15.17
CA PHE B 243 -23.17 14.44 -14.65
C PHE B 243 -22.46 13.56 -15.68
N LEU B 244 -23.19 12.57 -16.21
CA LEU B 244 -22.64 11.66 -17.20
C LEU B 244 -22.38 12.38 -18.52
#